data_1ANA
# 
_entry.id   1ANA 
# 
_audit_conform.dict_name       mmcif_pdbx.dic 
_audit_conform.dict_version    5.385 
_audit_conform.dict_location   http://mmcif.pdb.org/dictionaries/ascii/mmcif_pdbx.dic 
# 
loop_
_database_2.database_id 
_database_2.database_code 
_database_2.pdbx_database_accession 
_database_2.pdbx_DOI 
PDB   1ANA         pdb_00001ana 10.2210/pdb1ana/pdb 
RCSB  ADDB01       ?            ?                   
WWPDB D_1000171027 ?            ?                   
# 
loop_
_pdbx_audit_revision_history.ordinal 
_pdbx_audit_revision_history.data_content_type 
_pdbx_audit_revision_history.major_revision 
_pdbx_audit_revision_history.minor_revision 
_pdbx_audit_revision_history.revision_date 
1 'Structure model' 1 0 1982-07-29 
2 'Structure model' 1 1 2008-05-22 
3 'Structure model' 1 2 2011-07-13 
4 'Structure model' 2 0 2021-11-03 
5 'Structure model' 2 1 2024-02-07 
# 
_pdbx_audit_revision_details.ordinal             1 
_pdbx_audit_revision_details.revision_ordinal    1 
_pdbx_audit_revision_details.data_content_type   'Structure model' 
_pdbx_audit_revision_details.provider            repository 
_pdbx_audit_revision_details.type                'Initial release' 
_pdbx_audit_revision_details.description         ? 
_pdbx_audit_revision_details.details             ? 
# 
loop_
_pdbx_audit_revision_group.ordinal 
_pdbx_audit_revision_group.revision_ordinal 
_pdbx_audit_revision_group.data_content_type 
_pdbx_audit_revision_group.group 
1 2 'Structure model' 'Version format compliance' 
2 3 'Structure model' Advisory                    
3 3 'Structure model' 'Version format compliance' 
4 4 'Structure model' Advisory                    
5 4 'Structure model' 'Atomic model'              
6 4 'Structure model' 'Database references'       
7 4 'Structure model' 'Derived calculations'      
8 4 'Structure model' Other                       
9 5 'Structure model' 'Data collection'           
# 
loop_
_pdbx_audit_revision_category.ordinal 
_pdbx_audit_revision_category.revision_ordinal 
_pdbx_audit_revision_category.data_content_type 
_pdbx_audit_revision_category.category 
1 4 'Structure model' atom_site                  
2 4 'Structure model' atom_sites                 
3 4 'Structure model' database_2                 
4 4 'Structure model' pdbx_database_remark       
5 4 'Structure model' pdbx_distant_solvent_atoms 
6 4 'Structure model' struct_conn                
7 5 'Structure model' chem_comp_atom             
8 5 'Structure model' chem_comp_bond             
# 
loop_
_pdbx_audit_revision_item.ordinal 
_pdbx_audit_revision_item.revision_ordinal 
_pdbx_audit_revision_item.data_content_type 
_pdbx_audit_revision_item.item 
1  4 'Structure model' '_atom_site.Cartn_x'                    
2  4 'Structure model' '_atom_site.Cartn_y'                    
3  4 'Structure model' '_atom_site.Cartn_z'                    
4  4 'Structure model' '_atom_site.occupancy'                  
5  4 'Structure model' '_atom_sites.fract_transf_matrix[1][1]' 
6  4 'Structure model' '_atom_sites.fract_transf_matrix[1][3]' 
7  4 'Structure model' '_atom_sites.fract_transf_matrix[2][1]' 
8  4 'Structure model' '_atom_sites.fract_transf_matrix[2][2]' 
9  4 'Structure model' '_atom_sites.fract_transf_matrix[3][2]' 
10 4 'Structure model' '_atom_sites.fract_transf_matrix[3][3]' 
11 4 'Structure model' '_database_2.pdbx_DOI'                  
12 4 'Structure model' '_database_2.pdbx_database_accession'   
13 4 'Structure model' '_struct_conn.pdbx_leaving_atom_flag'   
# 
_pdbx_database_status.status_code                     REL 
_pdbx_database_status.entry_id                        1ANA 
_pdbx_database_status.recvd_initial_deposition_date   1982-06-04 
_pdbx_database_status.deposit_site                    BNL 
_pdbx_database_status.process_site                    BNL 
_pdbx_database_status.status_code_sf                  REL 
_pdbx_database_status.status_code_mr                  ? 
_pdbx_database_status.SG_entry                        ? 
_pdbx_database_status.pdb_format_compatible           Y 
_pdbx_database_status.status_code_cs                  ? 
_pdbx_database_status.status_code_nmr_data            ? 
_pdbx_database_status.methods_development_category    ? 
# 
loop_
_audit_author.name 
_audit_author.pdbx_ordinal 
'Conner, B.N.'    1 
'Yoon, C.'        2 
'Dickerson, J.L.' 3 
'Dickerson, R.E.' 4 
# 
loop_
_citation.id 
_citation.title 
_citation.journal_abbrev 
_citation.journal_volume 
_citation.page_first 
_citation.page_last 
_citation.year 
_citation.journal_id_ASTM 
_citation.country 
_citation.journal_id_ISSN 
_citation.journal_id_CSD 
_citation.book_publisher 
_citation.pdbx_database_id_PubMed 
_citation.pdbx_database_id_DOI 
primary 'Helix geometry and hydration in an A-DNA tetramer: IC-C-G-G'                             J.Mol.Biol. 174 663 695 1984 
JMOBAK UK 0022-2836 0070 ? 6726797 '10.1016/0022-2836(84)90089-5' 
1       'The Molecular Structure of d(ICpCpGpG), a Fragment of Right-Handed Double Helical A-DNA' Nature      295 294 299 1982 
NATUAS UK 0028-0836 0006 ? ?       ?                              
# 
loop_
_citation_author.citation_id 
_citation_author.name 
_citation_author.ordinal 
_citation_author.identifier_ORCID 
primary 'Conner, B.N.'    1 ? 
primary 'Yoon, C.'        2 ? 
primary 'Dickerson, J.L.' 3 ? 
primary 'Dickerson, R.E.' 4 ? 
1       'Conner, B.N.'    5 ? 
1       'Takano, T.'      6 ? 
1       'Tanaka, S.'      7 ? 
1       'Itakura, K.'     8 ? 
1       'Dickerson, R.E.' 9 ? 
# 
loop_
_entity.id 
_entity.type 
_entity.src_method 
_entity.pdbx_description 
_entity.formula_weight 
_entity.pdbx_number_of_molecules 
_entity.pdbx_ec 
_entity.pdbx_mutation 
_entity.pdbx_fragment 
_entity.details 
1 polymer syn 
;DNA (5'-D(*(C38)P*CP*GP*G)-3')
;
1317.715 2  ? ? ? ? 
2 water   nat water                            18.015   86 ? ? ? ? 
# 
_entity_poly.entity_id                      1 
_entity_poly.type                           polydeoxyribonucleotide 
_entity_poly.nstd_linkage                   no 
_entity_poly.nstd_monomer                   yes 
_entity_poly.pdbx_seq_one_letter_code       '(C38)(DC)(DG)(DG)' 
_entity_poly.pdbx_seq_one_letter_code_can   CCGG 
_entity_poly.pdbx_strand_id                 A,B 
_entity_poly.pdbx_target_identifier         ? 
# 
_pdbx_entity_nonpoly.entity_id   2 
_pdbx_entity_nonpoly.name        water 
_pdbx_entity_nonpoly.comp_id     HOH 
# 
loop_
_entity_poly_seq.entity_id 
_entity_poly_seq.num 
_entity_poly_seq.mon_id 
_entity_poly_seq.hetero 
1 1 C38 n 
1 2 DC  n 
1 3 DG  n 
1 4 DG  n 
# 
loop_
_chem_comp.id 
_chem_comp.type 
_chem_comp.mon_nstd_flag 
_chem_comp.name 
_chem_comp.pdbx_synonyms 
_chem_comp.formula 
_chem_comp.formula_weight 
C38 'DNA linking' n "5-IODO-2'-DEOXY-CYTIDINE-5'-MONOPHOSPHATE" ? 'C9 H13 I N3 O7 P' 433.094 
DC  'DNA linking' y "2'-DEOXYCYTIDINE-5'-MONOPHOSPHATE"         ? 'C9 H14 N3 O7 P'   307.197 
DG  'DNA linking' y "2'-DEOXYGUANOSINE-5'-MONOPHOSPHATE"        ? 'C10 H14 N5 O7 P'  347.221 
HOH non-polymer   . WATER                                       ? 'H2 O'             18.015  
# 
loop_
_pdbx_poly_seq_scheme.asym_id 
_pdbx_poly_seq_scheme.entity_id 
_pdbx_poly_seq_scheme.seq_id 
_pdbx_poly_seq_scheme.mon_id 
_pdbx_poly_seq_scheme.ndb_seq_num 
_pdbx_poly_seq_scheme.pdb_seq_num 
_pdbx_poly_seq_scheme.auth_seq_num 
_pdbx_poly_seq_scheme.pdb_mon_id 
_pdbx_poly_seq_scheme.auth_mon_id 
_pdbx_poly_seq_scheme.pdb_strand_id 
_pdbx_poly_seq_scheme.pdb_ins_code 
_pdbx_poly_seq_scheme.hetero 
A 1 1 C38 1 1 1 C38 +C A . n 
A 1 2 DC  2 2 2 DC  C  A . n 
A 1 3 DG  3 3 3 DG  G  A . n 
A 1 4 DG  4 4 4 DG  G  A . n 
B 1 1 C38 1 5 5 C38 +C B . n 
B 1 2 DC  2 6 6 DC  C  B . n 
B 1 3 DG  3 7 7 DG  G  B . n 
B 1 4 DG  4 8 8 DG  G  B . n 
# 
loop_
_pdbx_nonpoly_scheme.asym_id 
_pdbx_nonpoly_scheme.entity_id 
_pdbx_nonpoly_scheme.mon_id 
_pdbx_nonpoly_scheme.ndb_seq_num 
_pdbx_nonpoly_scheme.pdb_seq_num 
_pdbx_nonpoly_scheme.auth_seq_num 
_pdbx_nonpoly_scheme.pdb_mon_id 
_pdbx_nonpoly_scheme.auth_mon_id 
_pdbx_nonpoly_scheme.pdb_strand_id 
_pdbx_nonpoly_scheme.pdb_ins_code 
C 2 HOH 1  9  9  HOH HOH A . 
C 2 HOH 2  10 10 HOH HOH A . 
C 2 HOH 3  13 13 HOH HOH A . 
C 2 HOH 4  14 14 HOH HOH A . 
C 2 HOH 5  16 16 HOH HOH A . 
C 2 HOH 6  17 17 HOH HOH A . 
C 2 HOH 7  18 18 HOH HOH A . 
C 2 HOH 8  22 22 HOH HOH A . 
C 2 HOH 9  23 23 HOH HOH A . 
C 2 HOH 10 24 24 HOH HOH A . 
C 2 HOH 11 25 25 HOH HOH A . 
C 2 HOH 12 26 26 HOH HOH A . 
C 2 HOH 13 28 28 HOH HOH A . 
C 2 HOH 14 29 29 HOH HOH A . 
C 2 HOH 15 31 31 HOH HOH A . 
C 2 HOH 16 32 32 HOH HOH A . 
C 2 HOH 17 33 33 HOH HOH A . 
C 2 HOH 18 35 35 HOH HOH A . 
C 2 HOH 19 36 36 HOH HOH A . 
C 2 HOH 20 37 37 HOH HOH A . 
C 2 HOH 21 38 38 HOH HOH A . 
C 2 HOH 22 39 39 HOH HOH A . 
C 2 HOH 23 40 40 HOH HOH A . 
C 2 HOH 24 42 42 HOH HOH A . 
C 2 HOH 25 44 44 HOH HOH A . 
C 2 HOH 26 49 49 HOH HOH A . 
C 2 HOH 27 51 51 HOH HOH A . 
C 2 HOH 28 52 52 HOH HOH A . 
C 2 HOH 29 56 56 HOH HOH A . 
C 2 HOH 30 61 61 HOH HOH A . 
C 2 HOH 31 64 64 HOH HOH A . 
C 2 HOH 32 65 65 HOH HOH A . 
C 2 HOH 33 69 69 HOH HOH A . 
C 2 HOH 34 70 70 HOH HOH A . 
C 2 HOH 35 73 73 HOH HOH A . 
C 2 HOH 36 74 74 HOH HOH A . 
C 2 HOH 37 75 75 HOH HOH A . 
C 2 HOH 38 76 76 HOH HOH A . 
C 2 HOH 39 77 77 HOH HOH A . 
C 2 HOH 40 78 78 HOH HOH A . 
C 2 HOH 41 80 80 HOH HOH A . 
C 2 HOH 42 86 86 HOH HOH A . 
C 2 HOH 43 88 88 HOH HOH A . 
C 2 HOH 44 90 90 HOH HOH A . 
C 2 HOH 45 91 91 HOH HOH A . 
C 2 HOH 46 92 92 HOH HOH A . 
C 2 HOH 47 93 93 HOH HOH A . 
D 2 HOH 1  11 11 HOH HOH B . 
D 2 HOH 2  12 12 HOH HOH B . 
D 2 HOH 3  15 15 HOH HOH B . 
D 2 HOH 4  19 19 HOH HOH B . 
D 2 HOH 5  20 20 HOH HOH B . 
D 2 HOH 6  21 21 HOH HOH B . 
D 2 HOH 7  27 27 HOH HOH B . 
D 2 HOH 8  30 30 HOH HOH B . 
D 2 HOH 9  34 34 HOH HOH B . 
D 2 HOH 10 41 41 HOH HOH B . 
D 2 HOH 11 43 43 HOH HOH B . 
D 2 HOH 12 45 45 HOH HOH B . 
D 2 HOH 13 46 46 HOH HOH B . 
D 2 HOH 14 47 47 HOH HOH B . 
D 2 HOH 15 48 48 HOH HOH B . 
D 2 HOH 16 50 50 HOH HOH B . 
D 2 HOH 17 53 53 HOH HOH B . 
D 2 HOH 18 54 54 HOH HOH B . 
D 2 HOH 19 55 55 HOH HOH B . 
D 2 HOH 20 57 57 HOH HOH B . 
D 2 HOH 21 58 58 HOH HOH B . 
D 2 HOH 22 59 59 HOH HOH B . 
D 2 HOH 23 60 60 HOH HOH B . 
D 2 HOH 24 62 62 HOH HOH B . 
D 2 HOH 25 63 63 HOH HOH B . 
D 2 HOH 26 66 66 HOH HOH B . 
D 2 HOH 27 67 67 HOH HOH B . 
D 2 HOH 28 68 68 HOH HOH B . 
D 2 HOH 29 71 71 HOH HOH B . 
D 2 HOH 30 72 72 HOH HOH B . 
D 2 HOH 31 79 79 HOH HOH B . 
D 2 HOH 32 81 81 HOH HOH B . 
D 2 HOH 33 82 82 HOH HOH B . 
D 2 HOH 34 83 83 HOH HOH B . 
D 2 HOH 35 84 84 HOH HOH B . 
D 2 HOH 36 85 85 HOH HOH B . 
D 2 HOH 37 87 87 HOH HOH B . 
D 2 HOH 38 89 89 HOH HOH B . 
D 2 HOH 39 94 94 HOH HOH B . 
# 
_software.name             JACK-LEVITT 
_software.classification   refinement 
_software.version          . 
_software.citation_id      ? 
_software.pdbx_ordinal     1 
# 
_cell.entry_id           1ANA 
_cell.length_a           41.100 
_cell.length_b           41.100 
_cell.length_c           26.700 
_cell.angle_alpha        90.00 
_cell.angle_beta         90.00 
_cell.angle_gamma        90.00 
_cell.Z_PDB              16 
_cell.pdbx_unique_axis   ? 
# 
_symmetry.entry_id                         1ANA 
_symmetry.space_group_name_H-M             'P 43 21 2' 
_symmetry.pdbx_full_space_group_name_H-M   ? 
_symmetry.cell_setting                     ? 
_symmetry.Int_Tables_number                96 
# 
_exptl.entry_id          1ANA 
_exptl.method            'X-RAY DIFFRACTION' 
_exptl.crystals_number   ? 
# 
_exptl_crystal.id                    1 
_exptl_crystal.density_meas          1.5000 
_exptl_crystal.density_Matthews      2.24 
_exptl_crystal.density_percent_sol   49.0000 
_exptl_crystal.description           ? 
# 
_exptl_crystal_grow.crystal_id      1 
_exptl_crystal_grow.method          'VAPOR DIFFUSION' 
_exptl_crystal_grow.temp            275.00 
_exptl_crystal_grow.temp_details    ? 
_exptl_crystal_grow.pH              ? 
_exptl_crystal_grow.pdbx_details    'VAPOR DIFFUSION, temperature 275.00K' 
_exptl_crystal_grow.pdbx_pH_range   ? 
# 
loop_
_exptl_crystal_grow_comp.crystal_id 
_exptl_crystal_grow_comp.id 
_exptl_crystal_grow_comp.sol_id 
_exptl_crystal_grow_comp.name 
_exptl_crystal_grow_comp.volume 
_exptl_crystal_grow_comp.conc 
_exptl_crystal_grow_comp.details 
1 1 1 WATER           ? ? ? 
1 2 1 ISOPROPANOL     ? ? ? 
1 3 1 SPERMINE_HCL    ? ? ? 
1 4 1 'NA CACODYLATE' ? ? ? 
# 
_diffrn.id                     1 
_diffrn.crystal_id             1 
_diffrn.ambient_temp           ? 
_diffrn.ambient_temp_details   ? 
# 
_diffrn_detector.diffrn_id              1 
_diffrn_detector.detector               DIFFRACTOMETER 
_diffrn_detector.type                   'SYNTEX P1' 
_diffrn_detector.pdbx_collection_date   ? 
_diffrn_detector.details                ? 
# 
_diffrn_radiation.diffrn_id                        1 
_diffrn_radiation.wavelength_id                    1 
_diffrn_radiation.pdbx_scattering_type             x-ray 
_diffrn_radiation.pdbx_monochromatic_or_laue_m_l   ? 
_diffrn_radiation.monochromator                    ? 
_diffrn_radiation.pdbx_diffrn_protocol             ? 
# 
_diffrn_radiation_wavelength.id           1 
_diffrn_radiation_wavelength.wavelength   . 
_diffrn_radiation_wavelength.wt           1.0 
# 
_diffrn_source.diffrn_id                   1 
_diffrn_source.source                      ? 
_diffrn_source.type                        ? 
_diffrn_source.pdbx_synchrotron_site       ? 
_diffrn_source.pdbx_synchrotron_beamline   ? 
_diffrn_source.pdbx_wavelength             ? 
_diffrn_source.pdbx_wavelength_list        ? 
# 
_reflns.entry_id                     1ANA 
_reflns.observed_criterion_sigma_I   ? 
_reflns.observed_criterion_sigma_F   ? 
_reflns.d_resolution_low             ? 
_reflns.d_resolution_high            2.000 
_reflns.number_obs                   1486 
_reflns.number_all                   ? 
_reflns.percent_possible_obs         ? 
_reflns.pdbx_Rmerge_I_obs            ? 
_reflns.pdbx_Rsym_value              ? 
_reflns.pdbx_netI_over_sigmaI        ? 
_reflns.B_iso_Wilson_estimate        ? 
_reflns.pdbx_redundancy              ? 
_reflns.pdbx_ordinal                 1 
_reflns.pdbx_diffrn_id               1 
# 
_refine.entry_id                                 1ANA 
_refine.ls_number_reflns_obs                     ? 
_refine.ls_number_reflns_all                     ? 
_refine.pdbx_ls_sigma_I                          2.000 
_refine.pdbx_ls_sigma_F                          ? 
_refine.pdbx_data_cutoff_high_absF               ? 
_refine.pdbx_data_cutoff_low_absF                ? 
_refine.pdbx_data_cutoff_high_rms_absF           ? 
_refine.ls_d_res_low                             8.000 
_refine.ls_d_res_high                            2.000 
_refine.ls_percent_reflns_obs                    ? 
_refine.ls_R_factor_obs                          0.165 
_refine.ls_R_factor_all                          ? 
_refine.ls_R_factor_R_work                       ? 
_refine.ls_R_factor_R_free                       ? 
_refine.ls_R_factor_R_free_error                 ? 
_refine.ls_R_factor_R_free_error_details         ? 
_refine.ls_percent_reflns_R_free                 ? 
_refine.ls_number_reflns_R_free                  ? 
_refine.ls_number_parameters                     ? 
_refine.ls_number_restraints                     ? 
_refine.occupancy_min                            ? 
_refine.occupancy_max                            ? 
_refine.B_iso_mean                               ? 
_refine.aniso_B[1][1]                            ? 
_refine.aniso_B[2][2]                            ? 
_refine.aniso_B[3][3]                            ? 
_refine.aniso_B[1][2]                            ? 
_refine.aniso_B[1][3]                            ? 
_refine.aniso_B[2][3]                            ? 
_refine.solvent_model_details                    ? 
_refine.solvent_model_param_ksol                 ? 
_refine.solvent_model_param_bsol                 ? 
_refine.pdbx_ls_cross_valid_method               ? 
_refine.details                                  ? 
_refine.pdbx_starting_model                      ? 
_refine.pdbx_method_to_determine_struct          ? 
_refine.pdbx_isotropic_thermal_model             ? 
_refine.pdbx_stereochemistry_target_values       ? 
_refine.pdbx_stereochem_target_val_spec_case     ? 
_refine.pdbx_R_Free_selection_details            ? 
_refine.pdbx_overall_ESU_R                       ? 
_refine.pdbx_overall_ESU_R_Free                  ? 
_refine.overall_SU_ML                            ? 
_refine.overall_SU_B                             ? 
_refine.pdbx_refine_id                           'X-RAY DIFFRACTION' 
_refine.pdbx_diffrn_id                           1 
_refine.pdbx_TLS_residual_ADP_flag               ? 
_refine.correlation_coeff_Fo_to_Fc               ? 
_refine.correlation_coeff_Fo_to_Fc_free          ? 
_refine.pdbx_solvent_vdw_probe_radii             ? 
_refine.pdbx_solvent_ion_probe_radii             ? 
_refine.pdbx_solvent_shrinkage_radii             ? 
_refine.pdbx_overall_phase_error                 ? 
_refine.overall_SU_R_Cruickshank_DPI             ? 
_refine.pdbx_overall_SU_R_free_Cruickshank_DPI   ? 
_refine.pdbx_overall_SU_R_Blow_DPI               ? 
_refine.pdbx_overall_SU_R_free_Blow_DPI          ? 
# 
_refine_hist.pdbx_refine_id                   'X-RAY DIFFRACTION' 
_refine_hist.cycle_id                         LAST 
_refine_hist.pdbx_number_atoms_protein        0 
_refine_hist.pdbx_number_atoms_nucleic_acid   160 
_refine_hist.pdbx_number_atoms_ligand         0 
_refine_hist.number_atoms_solvent             86 
_refine_hist.number_atoms_total               246 
_refine_hist.d_res_high                       2.000 
_refine_hist.d_res_low                        8.000 
# 
_struct.entry_id                  1ANA 
_struct.title                     'HELIX GEOMETRY AND HYDRATION IN AN A-DNA TETRAMER. IC-C-G-G' 
_struct.pdbx_model_details        ? 
_struct.pdbx_CASP_flag            ? 
_struct.pdbx_model_type_details   ? 
# 
_struct_keywords.entry_id        1ANA 
_struct_keywords.pdbx_keywords   DNA 
_struct_keywords.text            'A-DNA, DOUBLE HELIX, MODIFIED, DNA' 
# 
loop_
_struct_asym.id 
_struct_asym.pdbx_blank_PDB_chainid_flag 
_struct_asym.pdbx_modified 
_struct_asym.entity_id 
_struct_asym.details 
A N N 1 ? 
B N N 1 ? 
C N N 2 ? 
D N N 2 ? 
# 
_struct_ref.id                         1 
_struct_ref.entity_id                  1 
_struct_ref.db_name                    PDB 
_struct_ref.db_code                    1ANA 
_struct_ref.pdbx_db_accession          1ANA 
_struct_ref.pdbx_db_isoform            ? 
_struct_ref.pdbx_seq_one_letter_code   ? 
_struct_ref.pdbx_align_begin           ? 
# 
loop_
_struct_ref_seq.align_id 
_struct_ref_seq.ref_id 
_struct_ref_seq.pdbx_PDB_id_code 
_struct_ref_seq.pdbx_strand_id 
_struct_ref_seq.seq_align_beg 
_struct_ref_seq.pdbx_seq_align_beg_ins_code 
_struct_ref_seq.seq_align_end 
_struct_ref_seq.pdbx_seq_align_end_ins_code 
_struct_ref_seq.pdbx_db_accession 
_struct_ref_seq.db_align_beg 
_struct_ref_seq.pdbx_db_align_beg_ins_code 
_struct_ref_seq.db_align_end 
_struct_ref_seq.pdbx_db_align_end_ins_code 
_struct_ref_seq.pdbx_auth_seq_align_beg 
_struct_ref_seq.pdbx_auth_seq_align_end 
1 1 1ANA A 1 ? 4 ? 1ANA 1 ? 4 ? 1 4 
2 1 1ANA B 1 ? 4 ? 1ANA 5 ? 8 ? 5 8 
# 
_pdbx_struct_assembly.id                   1 
_pdbx_struct_assembly.details              author_defined_assembly 
_pdbx_struct_assembly.method_details       ? 
_pdbx_struct_assembly.oligomeric_details   dimeric 
_pdbx_struct_assembly.oligomeric_count     2 
# 
_pdbx_struct_assembly_gen.assembly_id       1 
_pdbx_struct_assembly_gen.oper_expression   1 
_pdbx_struct_assembly_gen.asym_id_list      A,B,C,D 
# 
_pdbx_struct_oper_list.id                   1 
_pdbx_struct_oper_list.type                 'identity operation' 
_pdbx_struct_oper_list.name                 1_555 
_pdbx_struct_oper_list.symmetry_operation   x,y,z 
_pdbx_struct_oper_list.matrix[1][1]         1.0000000000 
_pdbx_struct_oper_list.matrix[1][2]         0.0000000000 
_pdbx_struct_oper_list.matrix[1][3]         0.0000000000 
_pdbx_struct_oper_list.vector[1]            0.0000000000 
_pdbx_struct_oper_list.matrix[2][1]         0.0000000000 
_pdbx_struct_oper_list.matrix[2][2]         1.0000000000 
_pdbx_struct_oper_list.matrix[2][3]         0.0000000000 
_pdbx_struct_oper_list.vector[2]            0.0000000000 
_pdbx_struct_oper_list.matrix[3][1]         0.0000000000 
_pdbx_struct_oper_list.matrix[3][2]         0.0000000000 
_pdbx_struct_oper_list.matrix[3][3]         1.0000000000 
_pdbx_struct_oper_list.vector[3]            0.0000000000 
# 
_struct_biol.id   1 
# 
loop_
_struct_conn.id 
_struct_conn.conn_type_id 
_struct_conn.pdbx_leaving_atom_flag 
_struct_conn.pdbx_PDB_id 
_struct_conn.ptnr1_label_asym_id 
_struct_conn.ptnr1_label_comp_id 
_struct_conn.ptnr1_label_seq_id 
_struct_conn.ptnr1_label_atom_id 
_struct_conn.pdbx_ptnr1_label_alt_id 
_struct_conn.pdbx_ptnr1_PDB_ins_code 
_struct_conn.pdbx_ptnr1_standard_comp_id 
_struct_conn.ptnr1_symmetry 
_struct_conn.ptnr2_label_asym_id 
_struct_conn.ptnr2_label_comp_id 
_struct_conn.ptnr2_label_seq_id 
_struct_conn.ptnr2_label_atom_id 
_struct_conn.pdbx_ptnr2_label_alt_id 
_struct_conn.pdbx_ptnr2_PDB_ins_code 
_struct_conn.ptnr1_auth_asym_id 
_struct_conn.ptnr1_auth_comp_id 
_struct_conn.ptnr1_auth_seq_id 
_struct_conn.ptnr2_auth_asym_id 
_struct_conn.ptnr2_auth_comp_id 
_struct_conn.ptnr2_auth_seq_id 
_struct_conn.ptnr2_symmetry 
_struct_conn.pdbx_ptnr3_label_atom_id 
_struct_conn.pdbx_ptnr3_label_seq_id 
_struct_conn.pdbx_ptnr3_label_comp_id 
_struct_conn.pdbx_ptnr3_label_asym_id 
_struct_conn.pdbx_ptnr3_label_alt_id 
_struct_conn.pdbx_ptnr3_PDB_ins_code 
_struct_conn.details 
_struct_conn.pdbx_dist_value 
_struct_conn.pdbx_value_order 
_struct_conn.pdbx_role 
covale1  covale one ? A C38 1 "O3'" ? ? ? 1_555 A DC  2 P  ? ? A C38 1 A DC  2 1_555 ? ? ? ? ? ? ?            1.607 ? ? 
covale2  covale one ? B C38 1 "O3'" ? ? ? 1_555 B DC  2 P  ? ? B C38 5 B DC  6 1_555 ? ? ? ? ? ? ?            1.602 ? ? 
hydrog1  hydrog ?   ? A C38 1 N3    ? ? ? 1_555 B DG  4 N1 ? ? A C38 1 B DG  8 1_555 ? ? ? ? ? ? WATSON-CRICK ?     ? ? 
hydrog2  hydrog ?   ? A C38 1 N4    ? ? ? 1_555 B DG  4 O6 ? ? A C38 1 B DG  8 1_555 ? ? ? ? ? ? WATSON-CRICK ?     ? ? 
hydrog3  hydrog ?   ? A C38 1 O2    ? ? ? 1_555 B DG  4 N2 ? ? A C38 1 B DG  8 1_555 ? ? ? ? ? ? WATSON-CRICK ?     ? ? 
hydrog4  hydrog ?   ? A DC  2 N3    ? ? ? 1_555 B DG  3 N1 ? ? A DC  2 B DG  7 1_555 ? ? ? ? ? ? WATSON-CRICK ?     ? ? 
hydrog5  hydrog ?   ? A DC  2 N4    ? ? ? 1_555 B DG  3 O6 ? ? A DC  2 B DG  7 1_555 ? ? ? ? ? ? WATSON-CRICK ?     ? ? 
hydrog6  hydrog ?   ? A DC  2 O2    ? ? ? 1_555 B DG  3 N2 ? ? A DC  2 B DG  7 1_555 ? ? ? ? ? ? WATSON-CRICK ?     ? ? 
hydrog7  hydrog ?   ? A DG  3 N1    ? ? ? 1_555 B DC  2 N3 ? ? A DG  3 B DC  6 1_555 ? ? ? ? ? ? WATSON-CRICK ?     ? ? 
hydrog8  hydrog ?   ? A DG  3 N2    ? ? ? 1_555 B DC  2 O2 ? ? A DG  3 B DC  6 1_555 ? ? ? ? ? ? WATSON-CRICK ?     ? ? 
hydrog9  hydrog ?   ? A DG  3 O6    ? ? ? 1_555 B DC  2 N4 ? ? A DG  3 B DC  6 1_555 ? ? ? ? ? ? WATSON-CRICK ?     ? ? 
hydrog10 hydrog ?   ? A DG  4 N1    ? ? ? 1_555 B C38 1 N3 ? ? A DG  4 B C38 5 1_555 ? ? ? ? ? ? WATSON-CRICK ?     ? ? 
hydrog11 hydrog ?   ? A DG  4 N2    ? ? ? 1_555 B C38 1 O2 ? ? A DG  4 B C38 5 1_555 ? ? ? ? ? ? WATSON-CRICK ?     ? ? 
hydrog12 hydrog ?   ? A DG  4 O6    ? ? ? 1_555 B C38 1 N4 ? ? A DG  4 B C38 5 1_555 ? ? ? ? ? ? WATSON-CRICK ?     ? ? 
# 
loop_
_struct_conn_type.id 
_struct_conn_type.criteria 
_struct_conn_type.reference 
covale ? ? 
hydrog ? ? 
# 
loop_
_pdbx_validate_rmsd_bond.id 
_pdbx_validate_rmsd_bond.PDB_model_num 
_pdbx_validate_rmsd_bond.auth_atom_id_1 
_pdbx_validate_rmsd_bond.auth_asym_id_1 
_pdbx_validate_rmsd_bond.auth_comp_id_1 
_pdbx_validate_rmsd_bond.auth_seq_id_1 
_pdbx_validate_rmsd_bond.PDB_ins_code_1 
_pdbx_validate_rmsd_bond.label_alt_id_1 
_pdbx_validate_rmsd_bond.auth_atom_id_2 
_pdbx_validate_rmsd_bond.auth_asym_id_2 
_pdbx_validate_rmsd_bond.auth_comp_id_2 
_pdbx_validate_rmsd_bond.auth_seq_id_2 
_pdbx_validate_rmsd_bond.PDB_ins_code_2 
_pdbx_validate_rmsd_bond.label_alt_id_2 
_pdbx_validate_rmsd_bond.bond_value 
_pdbx_validate_rmsd_bond.bond_target_value 
_pdbx_validate_rmsd_bond.bond_deviation 
_pdbx_validate_rmsd_bond.bond_standard_deviation 
_pdbx_validate_rmsd_bond.linker_flag 
1  1 C5 A DC 2 ? ? C6 A DC 2 ? ? 1.393 1.339 0.054  0.008 N 
2  1 C5 A DG 3 ? ? N7 A DG 3 ? ? 1.350 1.388 -0.038 0.006 N 
3  1 N7 A DG 3 ? ? C8 A DG 3 ? ? 1.343 1.305 0.038  0.006 N 
4  1 C5 A DG 4 ? ? N7 A DG 4 ? ? 1.351 1.388 -0.037 0.006 N 
5  1 N7 A DG 4 ? ? C8 A DG 4 ? ? 1.344 1.305 0.039  0.006 N 
6  1 C5 B DC 6 ? ? C6 B DC 6 ? ? 1.398 1.339 0.059  0.008 N 
7  1 C5 B DG 7 ? ? N7 B DG 7 ? ? 1.350 1.388 -0.038 0.006 N 
8  1 N7 B DG 7 ? ? C8 B DG 7 ? ? 1.346 1.305 0.041  0.006 N 
9  1 C5 B DG 8 ? ? N7 B DG 8 ? ? 1.347 1.388 -0.041 0.006 N 
10 1 N7 B DG 8 ? ? C8 B DG 8 ? ? 1.342 1.305 0.037  0.006 N 
# 
loop_
_pdbx_validate_rmsd_angle.id 
_pdbx_validate_rmsd_angle.PDB_model_num 
_pdbx_validate_rmsd_angle.auth_atom_id_1 
_pdbx_validate_rmsd_angle.auth_asym_id_1 
_pdbx_validate_rmsd_angle.auth_comp_id_1 
_pdbx_validate_rmsd_angle.auth_seq_id_1 
_pdbx_validate_rmsd_angle.PDB_ins_code_1 
_pdbx_validate_rmsd_angle.label_alt_id_1 
_pdbx_validate_rmsd_angle.auth_atom_id_2 
_pdbx_validate_rmsd_angle.auth_asym_id_2 
_pdbx_validate_rmsd_angle.auth_comp_id_2 
_pdbx_validate_rmsd_angle.auth_seq_id_2 
_pdbx_validate_rmsd_angle.PDB_ins_code_2 
_pdbx_validate_rmsd_angle.label_alt_id_2 
_pdbx_validate_rmsd_angle.auth_atom_id_3 
_pdbx_validate_rmsd_angle.auth_asym_id_3 
_pdbx_validate_rmsd_angle.auth_comp_id_3 
_pdbx_validate_rmsd_angle.auth_seq_id_3 
_pdbx_validate_rmsd_angle.PDB_ins_code_3 
_pdbx_validate_rmsd_angle.label_alt_id_3 
_pdbx_validate_rmsd_angle.angle_value 
_pdbx_validate_rmsd_angle.angle_target_value 
_pdbx_validate_rmsd_angle.angle_deviation 
_pdbx_validate_rmsd_angle.angle_standard_deviation 
_pdbx_validate_rmsd_angle.linker_flag 
1 1 "C3'" B C38 5 ? ? "O3'" B C38 5 ? ? P     B DC 6 ? ? 112.07 119.70 -7.63 1.20 Y 
2 1 "O5'" B DC  6 ? ? "C5'" B DC  6 ? ? "C4'" B DC 6 ? ? 101.00 109.40 -8.40 0.80 N 
3 1 "O4'" B DC  6 ? ? "C4'" B DC  6 ? ? "C3'" B DC 6 ? ? 99.80  104.50 -4.70 0.40 N 
4 1 "O4'" B DC  6 ? ? "C1'" B DC  6 ? ? N1    B DC 6 ? ? 111.55 108.30 3.25  0.30 N 
# 
_pdbx_validate_planes.id              1 
_pdbx_validate_planes.PDB_model_num   1 
_pdbx_validate_planes.auth_comp_id    DG 
_pdbx_validate_planes.auth_asym_id    B 
_pdbx_validate_planes.auth_seq_id     7 
_pdbx_validate_planes.PDB_ins_code    ? 
_pdbx_validate_planes.label_alt_id    ? 
_pdbx_validate_planes.rmsd            0.059 
_pdbx_validate_planes.type            'SIDE CHAIN' 
# 
loop_
_pdbx_struct_mod_residue.id 
_pdbx_struct_mod_residue.label_asym_id 
_pdbx_struct_mod_residue.label_comp_id 
_pdbx_struct_mod_residue.label_seq_id 
_pdbx_struct_mod_residue.auth_asym_id 
_pdbx_struct_mod_residue.auth_comp_id 
_pdbx_struct_mod_residue.auth_seq_id 
_pdbx_struct_mod_residue.PDB_ins_code 
_pdbx_struct_mod_residue.parent_comp_id 
_pdbx_struct_mod_residue.details 
1 A C38 1 A C38 1 ? DC ? 
2 B C38 1 B C38 5 ? DC ? 
# 
loop_
_pdbx_struct_special_symmetry.id 
_pdbx_struct_special_symmetry.PDB_model_num 
_pdbx_struct_special_symmetry.auth_asym_id 
_pdbx_struct_special_symmetry.auth_comp_id 
_pdbx_struct_special_symmetry.auth_seq_id 
_pdbx_struct_special_symmetry.PDB_ins_code 
_pdbx_struct_special_symmetry.label_asym_id 
_pdbx_struct_special_symmetry.label_comp_id 
_pdbx_struct_special_symmetry.label_seq_id 
1 1 A HOH 88 ? C HOH . 
2 1 A HOH 92 ? C HOH . 
3 1 B HOH 21 ? D HOH . 
4 1 B HOH 62 ? D HOH . 
# 
loop_
_refine_B_iso.class 
_refine_B_iso.details 
_refine_B_iso.treatment 
_refine_B_iso.pdbx_refine_id 
'ALL ATOMS'  TR isotropic 'X-RAY DIFFRACTION' 
'ALL WATERS' TR isotropic 'X-RAY DIFFRACTION' 
# 
loop_
_refine_occupancy.class 
_refine_occupancy.treatment 
_refine_occupancy.pdbx_refine_id 
'ALL ATOMS'  fix 'X-RAY DIFFRACTION' 
'ALL WATERS' fix 'X-RAY DIFFRACTION' 
# 
loop_
_pdbx_distant_solvent_atoms.id 
_pdbx_distant_solvent_atoms.PDB_model_num 
_pdbx_distant_solvent_atoms.auth_atom_id 
_pdbx_distant_solvent_atoms.label_alt_id 
_pdbx_distant_solvent_atoms.auth_asym_id 
_pdbx_distant_solvent_atoms.auth_comp_id 
_pdbx_distant_solvent_atoms.auth_seq_id 
_pdbx_distant_solvent_atoms.PDB_ins_code 
_pdbx_distant_solvent_atoms.neighbor_macromolecule_distance 
_pdbx_distant_solvent_atoms.neighbor_ligand_distance 
1  1 O ? A HOH 10 ? 8.93  . 
2  1 O ? A HOH 25 ? 6.33  . 
3  1 O ? A HOH 29 ? 6.30  . 
4  1 O ? A HOH 51 ? 7.88  . 
5  1 O ? A HOH 92 ? 6.89  . 
6  1 O ? B HOH 27 ? 6.51  . 
7  1 O ? B HOH 41 ? 6.03  . 
8  1 O ? B HOH 45 ? 6.09  . 
9  1 O ? B HOH 50 ? 8.26  . 
10 1 O ? B HOH 54 ? 9.01  . 
11 1 O ? B HOH 55 ? 7.08  . 
12 1 O ? B HOH 60 ? 7.07  . 
13 1 O ? B HOH 62 ? 9.69  . 
14 1 O ? B HOH 63 ? 11.09 . 
15 1 O ? B HOH 82 ? 7.87  . 
16 1 O ? B HOH 85 ? 6.52  . 
17 1 O ? B HOH 87 ? 8.73  . 
# 
loop_
_chem_comp_atom.comp_id 
_chem_comp_atom.atom_id 
_chem_comp_atom.type_symbol 
_chem_comp_atom.pdbx_aromatic_flag 
_chem_comp_atom.pdbx_stereo_config 
_chem_comp_atom.pdbx_ordinal 
C38 O3P    O N N 1   
C38 P      P N N 2   
C38 O1P    O N N 3   
C38 O2P    O N N 4   
C38 "O5'"  O N N 5   
C38 "C5'"  C N N 6   
C38 "C4'"  C N R 7   
C38 "O4'"  O N N 8   
C38 "C3'"  C N S 9   
C38 "O3'"  O N N 10  
C38 "C2'"  C N N 11  
C38 "C1'"  C N R 12  
C38 N1     N N N 13  
C38 C2     C N N 14  
C38 O2     O N N 15  
C38 N3     N N N 16  
C38 C4     C N N 17  
C38 N4     N N N 18  
C38 C5     C N N 19  
C38 C6     C N N 20  
C38 I      I N N 21  
C38 H3P    H N N 22  
C38 H2P    H N N 23  
C38 "H5'1" H N N 24  
C38 "H5'2" H N N 25  
C38 "H4'"  H N N 26  
C38 "H3'"  H N N 27  
C38 HA     H N N 28  
C38 "H2'1" H N N 29  
C38 "H2'2" H N N 30  
C38 "H1'"  H N N 31  
C38 H4N1   H N N 32  
C38 H4N2   H N N 33  
C38 H6     H N N 34  
DC  OP3    O N N 35  
DC  P      P N N 36  
DC  OP1    O N N 37  
DC  OP2    O N N 38  
DC  "O5'"  O N N 39  
DC  "C5'"  C N N 40  
DC  "C4'"  C N R 41  
DC  "O4'"  O N N 42  
DC  "C3'"  C N S 43  
DC  "O3'"  O N N 44  
DC  "C2'"  C N N 45  
DC  "C1'"  C N R 46  
DC  N1     N N N 47  
DC  C2     C N N 48  
DC  O2     O N N 49  
DC  N3     N N N 50  
DC  C4     C N N 51  
DC  N4     N N N 52  
DC  C5     C N N 53  
DC  C6     C N N 54  
DC  HOP3   H N N 55  
DC  HOP2   H N N 56  
DC  "H5'"  H N N 57  
DC  "H5''" H N N 58  
DC  "H4'"  H N N 59  
DC  "H3'"  H N N 60  
DC  "HO3'" H N N 61  
DC  "H2'"  H N N 62  
DC  "H2''" H N N 63  
DC  "H1'"  H N N 64  
DC  H41    H N N 65  
DC  H42    H N N 66  
DC  H5     H N N 67  
DC  H6     H N N 68  
DG  OP3    O N N 69  
DG  P      P N N 70  
DG  OP1    O N N 71  
DG  OP2    O N N 72  
DG  "O5'"  O N N 73  
DG  "C5'"  C N N 74  
DG  "C4'"  C N R 75  
DG  "O4'"  O N N 76  
DG  "C3'"  C N S 77  
DG  "O3'"  O N N 78  
DG  "C2'"  C N N 79  
DG  "C1'"  C N R 80  
DG  N9     N Y N 81  
DG  C8     C Y N 82  
DG  N7     N Y N 83  
DG  C5     C Y N 84  
DG  C6     C N N 85  
DG  O6     O N N 86  
DG  N1     N N N 87  
DG  C2     C N N 88  
DG  N2     N N N 89  
DG  N3     N N N 90  
DG  C4     C Y N 91  
DG  HOP3   H N N 92  
DG  HOP2   H N N 93  
DG  "H5'"  H N N 94  
DG  "H5''" H N N 95  
DG  "H4'"  H N N 96  
DG  "H3'"  H N N 97  
DG  "HO3'" H N N 98  
DG  "H2'"  H N N 99  
DG  "H2''" H N N 100 
DG  "H1'"  H N N 101 
DG  H8     H N N 102 
DG  H1     H N N 103 
DG  H21    H N N 104 
DG  H22    H N N 105 
HOH O      O N N 106 
HOH H1     H N N 107 
HOH H2     H N N 108 
# 
loop_
_chem_comp_bond.comp_id 
_chem_comp_bond.atom_id_1 
_chem_comp_bond.atom_id_2 
_chem_comp_bond.value_order 
_chem_comp_bond.pdbx_aromatic_flag 
_chem_comp_bond.pdbx_stereo_config 
_chem_comp_bond.pdbx_ordinal 
C38 O3P   P      sing N N 1   
C38 O3P   H3P    sing N N 2   
C38 P     O1P    doub N N 3   
C38 P     O2P    sing N N 4   
C38 P     "O5'"  sing N N 5   
C38 O2P   H2P    sing N N 6   
C38 "O5'" "C5'"  sing N N 7   
C38 "C5'" "C4'"  sing N N 8   
C38 "C5'" "H5'1" sing N N 9   
C38 "C5'" "H5'2" sing N N 10  
C38 "C4'" "O4'"  sing N N 11  
C38 "C4'" "C3'"  sing N N 12  
C38 "C4'" "H4'"  sing N N 13  
C38 "O4'" "C1'"  sing N N 14  
C38 "C3'" "O3'"  sing N N 15  
C38 "C3'" "C2'"  sing N N 16  
C38 "C3'" "H3'"  sing N N 17  
C38 "O3'" HA     sing N N 18  
C38 "C2'" "C1'"  sing N N 19  
C38 "C2'" "H2'1" sing N N 20  
C38 "C2'" "H2'2" sing N N 21  
C38 "C1'" N1     sing N N 22  
C38 "C1'" "H1'"  sing N N 23  
C38 N1    C2     sing N N 24  
C38 N1    C6     sing N N 25  
C38 C2    O2     doub N N 26  
C38 C2    N3     sing N N 27  
C38 N3    C4     doub N N 28  
C38 C4    N4     sing N N 29  
C38 C4    C5     sing N N 30  
C38 N4    H4N1   sing N N 31  
C38 N4    H4N2   sing N N 32  
C38 C5    C6     doub N N 33  
C38 C5    I      sing N N 34  
C38 C6    H6     sing N N 35  
DC  OP3   P      sing N N 36  
DC  OP3   HOP3   sing N N 37  
DC  P     OP1    doub N N 38  
DC  P     OP2    sing N N 39  
DC  P     "O5'"  sing N N 40  
DC  OP2   HOP2   sing N N 41  
DC  "O5'" "C5'"  sing N N 42  
DC  "C5'" "C4'"  sing N N 43  
DC  "C5'" "H5'"  sing N N 44  
DC  "C5'" "H5''" sing N N 45  
DC  "C4'" "O4'"  sing N N 46  
DC  "C4'" "C3'"  sing N N 47  
DC  "C4'" "H4'"  sing N N 48  
DC  "O4'" "C1'"  sing N N 49  
DC  "C3'" "O3'"  sing N N 50  
DC  "C3'" "C2'"  sing N N 51  
DC  "C3'" "H3'"  sing N N 52  
DC  "O3'" "HO3'" sing N N 53  
DC  "C2'" "C1'"  sing N N 54  
DC  "C2'" "H2'"  sing N N 55  
DC  "C2'" "H2''" sing N N 56  
DC  "C1'" N1     sing N N 57  
DC  "C1'" "H1'"  sing N N 58  
DC  N1    C2     sing N N 59  
DC  N1    C6     sing N N 60  
DC  C2    O2     doub N N 61  
DC  C2    N3     sing N N 62  
DC  N3    C4     doub N N 63  
DC  C4    N4     sing N N 64  
DC  C4    C5     sing N N 65  
DC  N4    H41    sing N N 66  
DC  N4    H42    sing N N 67  
DC  C5    C6     doub N N 68  
DC  C5    H5     sing N N 69  
DC  C6    H6     sing N N 70  
DG  OP3   P      sing N N 71  
DG  OP3   HOP3   sing N N 72  
DG  P     OP1    doub N N 73  
DG  P     OP2    sing N N 74  
DG  P     "O5'"  sing N N 75  
DG  OP2   HOP2   sing N N 76  
DG  "O5'" "C5'"  sing N N 77  
DG  "C5'" "C4'"  sing N N 78  
DG  "C5'" "H5'"  sing N N 79  
DG  "C5'" "H5''" sing N N 80  
DG  "C4'" "O4'"  sing N N 81  
DG  "C4'" "C3'"  sing N N 82  
DG  "C4'" "H4'"  sing N N 83  
DG  "O4'" "C1'"  sing N N 84  
DG  "C3'" "O3'"  sing N N 85  
DG  "C3'" "C2'"  sing N N 86  
DG  "C3'" "H3'"  sing N N 87  
DG  "O3'" "HO3'" sing N N 88  
DG  "C2'" "C1'"  sing N N 89  
DG  "C2'" "H2'"  sing N N 90  
DG  "C2'" "H2''" sing N N 91  
DG  "C1'" N9     sing N N 92  
DG  "C1'" "H1'"  sing N N 93  
DG  N9    C8     sing Y N 94  
DG  N9    C4     sing Y N 95  
DG  C8    N7     doub Y N 96  
DG  C8    H8     sing N N 97  
DG  N7    C5     sing Y N 98  
DG  C5    C6     sing N N 99  
DG  C5    C4     doub Y N 100 
DG  C6    O6     doub N N 101 
DG  C6    N1     sing N N 102 
DG  N1    C2     sing N N 103 
DG  N1    H1     sing N N 104 
DG  C2    N2     sing N N 105 
DG  C2    N3     doub N N 106 
DG  N2    H21    sing N N 107 
DG  N2    H22    sing N N 108 
DG  N3    C4     sing N N 109 
HOH O     H1     sing N N 110 
HOH O     H2     sing N N 111 
# 
_ndb_struct_conf_na.entry_id   1ANA 
_ndb_struct_conf_na.feature    'a-form double helix' 
# 
loop_
_ndb_struct_na_base_pair.model_number 
_ndb_struct_na_base_pair.i_label_asym_id 
_ndb_struct_na_base_pair.i_label_comp_id 
_ndb_struct_na_base_pair.i_label_seq_id 
_ndb_struct_na_base_pair.i_symmetry 
_ndb_struct_na_base_pair.j_label_asym_id 
_ndb_struct_na_base_pair.j_label_comp_id 
_ndb_struct_na_base_pair.j_label_seq_id 
_ndb_struct_na_base_pair.j_symmetry 
_ndb_struct_na_base_pair.shear 
_ndb_struct_na_base_pair.stretch 
_ndb_struct_na_base_pair.stagger 
_ndb_struct_na_base_pair.buckle 
_ndb_struct_na_base_pair.propeller 
_ndb_struct_na_base_pair.opening 
_ndb_struct_na_base_pair.pair_number 
_ndb_struct_na_base_pair.pair_name 
_ndb_struct_na_base_pair.i_auth_asym_id 
_ndb_struct_na_base_pair.i_auth_seq_id 
_ndb_struct_na_base_pair.i_PDB_ins_code 
_ndb_struct_na_base_pair.j_auth_asym_id 
_ndb_struct_na_base_pair.j_auth_seq_id 
_ndb_struct_na_base_pair.j_PDB_ins_code 
_ndb_struct_na_base_pair.hbond_type_28 
_ndb_struct_na_base_pair.hbond_type_12 
1 A C38 1 1_555 B DG  4 1_555 -0.152 0.002  0.010  3.912   -14.530 0.824  1 A_C381:DG8_B A 1 ? B 8 ? 19 1 
1 A DC  2 1_555 B DG  3 1_555 -0.197 -0.166 0.004  2.386   -13.145 0.302  2 A_DC2:DG7_B  A 2 ? B 7 ? 19 1 
1 A DG  3 1_555 B DC  2 1_555 0.149  0.006  0.266  -5.593  -20.580 1.789  3 A_DG3:DC6_B  A 3 ? B 6 ? 19 1 
1 A DG  4 1_555 B C38 1 1_555 0.180  0.093  -0.985 -12.524 -11.012 -6.246 4 A_DG4:C385_B A 4 ? B 5 ? 19 1 
# 
loop_
_ndb_struct_na_base_pair_step.model_number 
_ndb_struct_na_base_pair_step.i_label_asym_id_1 
_ndb_struct_na_base_pair_step.i_label_comp_id_1 
_ndb_struct_na_base_pair_step.i_label_seq_id_1 
_ndb_struct_na_base_pair_step.i_symmetry_1 
_ndb_struct_na_base_pair_step.j_label_asym_id_1 
_ndb_struct_na_base_pair_step.j_label_comp_id_1 
_ndb_struct_na_base_pair_step.j_label_seq_id_1 
_ndb_struct_na_base_pair_step.j_symmetry_1 
_ndb_struct_na_base_pair_step.i_label_asym_id_2 
_ndb_struct_na_base_pair_step.i_label_comp_id_2 
_ndb_struct_na_base_pair_step.i_label_seq_id_2 
_ndb_struct_na_base_pair_step.i_symmetry_2 
_ndb_struct_na_base_pair_step.j_label_asym_id_2 
_ndb_struct_na_base_pair_step.j_label_comp_id_2 
_ndb_struct_na_base_pair_step.j_label_seq_id_2 
_ndb_struct_na_base_pair_step.j_symmetry_2 
_ndb_struct_na_base_pair_step.shift 
_ndb_struct_na_base_pair_step.slide 
_ndb_struct_na_base_pair_step.rise 
_ndb_struct_na_base_pair_step.tilt 
_ndb_struct_na_base_pair_step.roll 
_ndb_struct_na_base_pair_step.twist 
_ndb_struct_na_base_pair_step.x_displacement 
_ndb_struct_na_base_pair_step.y_displacement 
_ndb_struct_na_base_pair_step.helical_rise 
_ndb_struct_na_base_pair_step.inclination 
_ndb_struct_na_base_pair_step.tip 
_ndb_struct_na_base_pair_step.helical_twist 
_ndb_struct_na_base_pair_step.step_number 
_ndb_struct_na_base_pair_step.step_name 
_ndb_struct_na_base_pair_step.i_auth_asym_id_1 
_ndb_struct_na_base_pair_step.i_auth_seq_id_1 
_ndb_struct_na_base_pair_step.i_PDB_ins_code_1 
_ndb_struct_na_base_pair_step.j_auth_asym_id_1 
_ndb_struct_na_base_pair_step.j_auth_seq_id_1 
_ndb_struct_na_base_pair_step.j_PDB_ins_code_1 
_ndb_struct_na_base_pair_step.i_auth_asym_id_2 
_ndb_struct_na_base_pair_step.i_auth_seq_id_2 
_ndb_struct_na_base_pair_step.i_PDB_ins_code_2 
_ndb_struct_na_base_pair_step.j_auth_asym_id_2 
_ndb_struct_na_base_pair_step.j_auth_seq_id_2 
_ndb_struct_na_base_pair_step.j_PDB_ins_code_2 
1 A C38 1 1_555 B DG 4 1_555 A DC 2 1_555 B DG  3 1_555 0.273  -1.248 3.293 -0.350 5.464  35.648 -2.775 -0.489 3.072 8.860  0.568 
36.052 1 AA_C381DC2:DG7DG8_BB A 1 ? B 8 ? A 2 ? B 7 ? 
1 A DC  2 1_555 B DG 3 1_555 A DG 3 1_555 B DC  2 1_555 0.373  -1.639 3.408 -0.223 13.348 32.051 -4.696 -0.658 2.542 22.969 0.384 
34.653 2 AA_DC2DG3:DC6DG7_BB  A 2 ? B 7 ? A 3 ? B 6 ? 
1 A DG  3 1_555 B DC 2 1_555 A DG 4 1_555 B C38 1 1_555 -0.919 -1.185 3.708 9.247  5.311  34.173 -2.752 2.928  3.148 8.776  
-15.281 35.751 3 AA_DG3DG4:C385DC6_BB A 3 ? B 6 ? A 4 ? B 5 ? 
# 
_atom_sites.entry_id                    1ANA 
_atom_sites.fract_transf_matrix[1][1]   0.01481701 
_atom_sites.fract_transf_matrix[1][2]   0.01584300 
_atom_sites.fract_transf_matrix[1][3]   0.01102058 
_atom_sites.fract_transf_matrix[2][1]   -0.00419410 
_atom_sites.fract_transf_matrix[2][2]   0.01620537 
_atom_sites.fract_transf_matrix[2][3]   -0.01765766 
_atom_sites.fract_transf_matrix[3][1]   -0.02899728 
_atom_sites.fract_transf_matrix[3][2]   0.01362816 
_atom_sites.fract_transf_matrix[3][3]   0.01939480 
_atom_sites.fract_transf_vector[1]      0.856810 
_atom_sites.fract_transf_vector[2]      0.663519 
_atom_sites.fract_transf_vector[3]      0.623697 
# 
loop_
_atom_type.symbol 
C 
I 
N 
O 
P 
# 
loop_
_atom_site.group_PDB 
_atom_site.id 
_atom_site.type_symbol 
_atom_site.label_atom_id 
_atom_site.label_alt_id 
_atom_site.label_comp_id 
_atom_site.label_asym_id 
_atom_site.label_entity_id 
_atom_site.label_seq_id 
_atom_site.pdbx_PDB_ins_code 
_atom_site.Cartn_x 
_atom_site.Cartn_y 
_atom_site.Cartn_z 
_atom_site.occupancy 
_atom_site.B_iso_or_equiv 
_atom_site.pdbx_formal_charge 
_atom_site.auth_seq_id 
_atom_site.auth_comp_id 
_atom_site.auth_asym_id 
_atom_site.auth_atom_id 
_atom_site.pdbx_PDB_model_num 
HETATM 1   O "O5'" . C38 A 1 1 ? -9.153  -2.715  -2.276 1.00 1.86 ? 1  C38 A "O5'" 1 
HETATM 2   C "C5'" . C38 A 1 1 ? -9.706  -4.039  -2.416 1.00 2.08 ? 1  C38 A "C5'" 1 
HETATM 3   C "C4'" . C38 A 1 1 ? -8.538  -4.978  -2.558 1.00 1.73 ? 1  C38 A "C4'" 1 
HETATM 4   O "O4'" . C38 A 1 1 ? -7.729  -4.472  -3.616 1.00 1.69 ? 1  C38 A "O4'" 1 
HETATM 5   C "C3'" . C38 A 1 1 ? -7.563  -5.002  -1.397 1.00 1.83 ? 1  C38 A "C3'" 1 
HETATM 6   O "O3'" . C38 A 1 1 ? -8.068  -5.729  -0.253 1.00 1.90 ? 1  C38 A "O3'" 1 
HETATM 7   C "C2'" . C38 A 1 1 ? -6.380  -5.670  -2.089 1.00 1.76 ? 1  C38 A "C2'" 1 
HETATM 8   C "C1'" . C38 A 1 1 ? -6.423  -5.065  -3.502 1.00 2.03 ? 1  C38 A "C1'" 1 
HETATM 9   N N1    . C38 A 1 1 ? -5.462  -3.939  -3.715 1.00 1.78 ? 1  C38 A N1    1 
HETATM 10  C C2    . C38 A 1 1 ? -4.128  -4.189  -3.897 1.00 1.63 ? 1  C38 A C2    1 
HETATM 11  O O2    . C38 A 1 1 ? -3.731  -5.358  -3.874 1.00 1.76 ? 1  C38 A O2    1 
HETATM 12  N N3    . C38 A 1 1 ? -3.274  -3.179  -4.074 1.00 1.56 ? 1  C38 A N3    1 
HETATM 13  C C4    . C38 A 1 1 ? -3.714  -1.921  -4.094 1.00 1.77 ? 1  C38 A C4    1 
HETATM 14  N N4    . C38 A 1 1 ? -2.821  -0.903  -4.245 1.00 1.69 ? 1  C38 A N4    1 
HETATM 15  C C5    . C38 A 1 1 ? -5.070  -1.621  -3.945 1.00 1.75 ? 1  C38 A C5    1 
HETATM 16  C C6    . C38 A 1 1 ? -5.962  -2.666  -3.742 1.00 1.58 ? 1  C38 A C6    1 
HETATM 17  I I     . C38 A 1 1 ? -5.726  0.322   -3.977 1.00 1.80 ? 1  C38 A I     1 
ATOM   18  P P     . DC  A 1 2 ? -7.521  -5.454  1.234  1.00 1.91 ? 2  DC  A P     1 
ATOM   19  O OP1   . DC  A 1 2 ? -8.283  -6.263  2.216  1.00 1.98 ? 2  DC  A OP1   1 
ATOM   20  O OP2   . DC  A 1 2 ? -7.512  -3.999  1.491  1.00 1.78 ? 2  DC  A OP2   1 
ATOM   21  O "O5'" . DC  A 1 2 ? -6.021  -5.997  1.218  1.00 1.94 ? 2  DC  A "O5'" 1 
ATOM   22  C "C5'" . DC  A 1 2 ? -5.751  -7.418  1.140  1.00 2.01 ? 2  DC  A "C5'" 1 
ATOM   23  C "C4'" . DC  A 1 2 ? -4.258  -7.522  0.989  1.00 1.85 ? 2  DC  A "C4'" 1 
ATOM   24  O "O4'" . DC  A 1 2 ? -3.887  -6.774  -0.174 1.00 1.63 ? 2  DC  A "O4'" 1 
ATOM   25  C "C3'" . DC  A 1 2 ? -3.457  -6.860  2.082  1.00 1.65 ? 2  DC  A "C3'" 1 
ATOM   26  O "O3'" . DC  A 1 2 ? -3.435  -7.644  3.298  1.00 1.86 ? 2  DC  A "O3'" 1 
ATOM   27  C "C2'" . DC  A 1 2 ? -2.112  -6.830  1.373  1.00 1.84 ? 2  DC  A "C2'" 1 
ATOM   28  C "C1'" . DC  A 1 2 ? -2.501  -6.407  -0.044 1.00 1.65 ? 2  DC  A "C1'" 1 
ATOM   29  N N1    . DC  A 1 2 ? -2.405  -4.936  -0.307 1.00 1.77 ? 2  DC  A N1    1 
ATOM   30  C C2    . DC  A 1 2 ? -1.194  -4.381  -0.608 1.00 1.66 ? 2  DC  A C2    1 
ATOM   31  O O2    . DC  A 1 2 ? -0.207  -5.114  -0.631 1.00 1.53 ? 2  DC  A O2    1 
ATOM   32  N N3    . DC  A 1 2 ? -1.103  -3.076  -0.895 1.00 1.54 ? 2  DC  A N3    1 
ATOM   33  C C4    . DC  A 1 2 ? -2.194  -2.305  -0.888 1.00 1.65 ? 2  DC  A C4    1 
ATOM   34  N N4    . DC  A 1 2 ? -2.088  -0.981  -1.189 1.00 1.52 ? 2  DC  A N4    1 
ATOM   35  C C5    . DC  A 1 2 ? -3.443  -2.822  -0.566 1.00 1.61 ? 2  DC  A C5    1 
ATOM   36  C C6    . DC  A 1 2 ? -3.539  -4.181  -0.275 1.00 1.71 ? 2  DC  A C6    1 
ATOM   37  P P     . DG  A 1 3 ? -3.294  -6.956  4.739  1.00 2.04 ? 3  DG  A P     1 
ATOM   38  O OP1   . DG  A 1 3 ? -3.438  -7.978  5.804  1.00 2.24 ? 3  DG  A OP1   1 
ATOM   39  O OP2   . DG  A 1 3 ? -4.335  -5.902  4.817  1.00 2.21 ? 3  DG  A OP2   1 
ATOM   40  O "O5'" . DG  A 1 3 ? -1.820  -6.293  4.752  1.00 1.74 ? 3  DG  A "O5'" 1 
ATOM   41  C "C5'" . DG  A 1 3 ? -0.599  -7.096  4.859  1.00 1.52 ? 3  DG  A "C5'" 1 
ATOM   42  C "C4'" . DG  A 1 3 ? 0.598   -6.232  4.500  1.00 1.68 ? 3  DG  A "C4'" 1 
ATOM   43  O "O4'" . DG  A 1 3 ? 0.331   -5.548  3.271  1.00 1.48 ? 3  DG  A "O4'" 1 
ATOM   44  C "C3'" . DG  A 1 3 ? 1.058   -5.114  5.414  1.00 1.64 ? 3  DG  A "C3'" 1 
ATOM   45  O "O3'" . DG  A 1 3 ? 1.701   -5.582  6.613  1.00 1.76 ? 3  DG  A "O3'" 1 
ATOM   46  C "C2'" . DG  A 1 3 ? 2.023   -4.412  4.465  1.00 1.47 ? 3  DG  A "C2'" 1 
ATOM   47  C "C1'" . DG  A 1 3 ? 1.314   -4.509  3.115  1.00 1.37 ? 3  DG  A "C1'" 1 
ATOM   48  N N9    . DG  A 1 3 ? 0.546   -3.284  2.769  1.00 1.58 ? 3  DG  A N9    1 
ATOM   49  C C8    . DG  A 1 3 ? -0.815  -3.124  2.765  1.00 1.69 ? 3  DG  A C8    1 
ATOM   50  N N7    . DG  A 1 3 ? -1.197  -1.896  2.377  1.00 1.76 ? 3  DG  A N7    1 
ATOM   51  C C5    . DG  A 1 3 ? -0.035  -1.254  2.133  1.00 1.56 ? 3  DG  A C5    1 
ATOM   52  C C6    . DG  A 1 3 ? 0.188   0.081   1.676  1.00 1.76 ? 3  DG  A C6    1 
ATOM   53  O O6    . DG  A 1 3 ? -0.634  0.956   1.402  1.00 1.75 ? 3  DG  A O6    1 
ATOM   54  N N1    . DG  A 1 3 ? 1.530   0.339   1.526  1.00 1.65 ? 3  DG  A N1    1 
ATOM   55  C C2    . DG  A 1 3 ? 2.561   -0.520  1.771  1.00 1.50 ? 3  DG  A C2    1 
ATOM   56  N N2    . DG  A 1 3 ? 3.827   -0.073  1.543  1.00 1.56 ? 3  DG  A N2    1 
ATOM   57  N N3    . DG  A 1 3 ? 2.353   -1.771  2.193  1.00 1.57 ? 3  DG  A N3    1 
ATOM   58  C C4    . DG  A 1 3 ? 1.048   -2.070  2.350  1.00 1.75 ? 3  DG  A C4    1 
ATOM   59  P P     . DG  A 1 4 ? 2.041   -4.564  7.806  1.00 1.88 ? 4  DG  A P     1 
ATOM   60  O OP1   . DG  A 1 4 ? 2.537   -5.294  8.993  1.00 2.12 ? 4  DG  A OP1   1 
ATOM   61  O OP2   . DG  A 1 4 ? 0.843   -3.726  8.006  1.00 1.90 ? 4  DG  A OP2   1 
ATOM   62  O "O5'" . DG  A 1 4 ? 3.252   -3.656  7.282  1.00 1.71 ? 4  DG  A "O5'" 1 
ATOM   63  C "C5'" . DG  A 1 4 ? 4.596   -4.178  7.156  1.00 1.80 ? 4  DG  A "C5'" 1 
ATOM   64  C "C4'" . DG  A 1 4 ? 5.521   -3.018  6.791  1.00 1.90 ? 4  DG  A "C4'" 1 
ATOM   65  O "O4'" . DG  A 1 4 ? 4.856   -2.185  5.815  1.00 2.09 ? 4  DG  A "O4'" 1 
ATOM   66  C "C3'" . DG  A 1 4 ? 5.999   -2.038  7.872  1.00 2.15 ? 4  DG  A "C3'" 1 
ATOM   67  O "O3'" . DG  A 1 4 ? 7.296   -1.480  7.582  1.00 2.08 ? 4  DG  A "O3'" 1 
ATOM   68  C "C2'" . DG  A 1 4 ? 4.881   -1.005  7.801  1.00 2.06 ? 4  DG  A "C2'" 1 
ATOM   69  C "C1'" . DG  A 1 4 ? 4.837   -0.826  6.291  1.00 2.17 ? 4  DG  A "C1'" 1 
ATOM   70  N N9    . DG  A 1 4 ? 3.545   -0.214  5.855  1.00 2.04 ? 4  DG  A N9    1 
ATOM   71  C C8    . DG  A 1 4 ? 2.278   -0.690  6.067  1.00 1.79 ? 4  DG  A C8    1 
ATOM   72  N N7    . DG  A 1 4 ? 1.325   0.099   5.544  1.00 1.99 ? 4  DG  A N7    1 
ATOM   73  C C5    . DG  A 1 4 ? 2.010   1.120   4.984  1.00 2.06 ? 4  DG  A C5    1 
ATOM   74  C C6    . DG  A 1 4 ? 1.521   2.273   4.283  1.00 1.91 ? 4  DG  A C6    1 
ATOM   75  O O6    . DG  A 1 4 ? 0.361   2.590   4.021  1.00 1.77 ? 4  DG  A O6    1 
ATOM   76  N N1    . DG  A 1 4 ? 2.538   3.118   3.912  1.00 1.73 ? 4  DG  A N1    1 
ATOM   77  C C2    . DG  A 1 4 ? 3.871   2.932   4.132  1.00 1.93 ? 4  DG  A C2    1 
ATOM   78  N N2    . DG  A 1 4 ? 4.723   3.909   3.701  1.00 1.85 ? 4  DG  A N2    1 
ATOM   79  N N3    . DG  A 1 4 ? 4.339   1.834   4.749  1.00 1.88 ? 4  DG  A N3    1 
ATOM   80  C C4    . DG  A 1 4 ? 3.362   0.973   5.159  1.00 2.02 ? 4  DG  A C4    1 
HETATM 81  O "O5'" . C38 B 1 1 ? 0.747   11.330  -0.135 1.00 2.19 ? 5  C38 B "O5'" 1 
HETATM 82  C "C5'" . C38 B 1 1 ? 1.450   10.937  -1.342 1.00 2.39 ? 5  C38 B "C5'" 1 
HETATM 83  C "C4'" . C38 B 1 1 ? 2.828   10.563  -0.870 1.00 2.32 ? 5  C38 B "C4'" 1 
HETATM 84  O "O4'" . C38 B 1 1 ? 2.523   10.142  0.489  1.00 1.98 ? 5  C38 B "O4'" 1 
HETATM 85  C "C3'" . C38 B 1 1 ? 3.517   9.379   -1.556 1.00 1.89 ? 5  C38 B "C3'" 1 
HETATM 86  O "O3'" . C38 B 1 1 ? 4.410   9.612   -2.809 1.00 1.98 ? 5  C38 B "O3'" 1 
HETATM 87  C "C2'" . C38 B 1 1 ? 4.142   8.670   -0.325 1.00 1.90 ? 5  C38 B "C2'" 1 
HETATM 88  C "C1'" . C38 B 1 1 ? 3.215   8.964   0.870  1.00 1.67 ? 5  C38 B "C1'" 1 
HETATM 89  N N1    . C38 B 1 1 ? 2.225   7.903   1.364  1.00 2.05 ? 5  C38 B N1    1 
HETATM 90  C C2    . C38 B 1 1 ? 2.600   6.988   2.322  1.00 2.18 ? 5  C38 B C2    1 
HETATM 91  O O2    . C38 B 1 1 ? 3.740   7.041   2.779  1.00 1.89 ? 5  C38 B O2    1 
HETATM 92  N N3    . C38 B 1 1 ? 1.733   6.061   2.768  1.00 1.70 ? 5  C38 B N3    1 
HETATM 93  C C4    . C38 B 1 1 ? 0.479   6.027   2.307  1.00 1.90 ? 5  C38 B C4    1 
HETATM 94  N N4    . C38 B 1 1 ? -0.380  5.065   2.744  1.00 1.82 ? 5  C38 B N4    1 
HETATM 95  C C5    . C38 B 1 1 ? 0.040   6.950   1.362  1.00 1.76 ? 5  C38 B C5    1 
HETATM 96  C C6    . C38 B 1 1 ? 0.945   7.910   0.889  1.00 1.67 ? 5  C38 B C6    1 
HETATM 97  I I     . C38 B 1 1 ? -1.896  6.870   0.684  1.00 1.92 ? 5  C38 B I     1 
ATOM   98  P P     . DC  B 1 2 ? 4.791   8.239   -3.541 1.00 2.03 ? 6  DC  B P     1 
ATOM   99  O OP1   . DC  B 1 2 ? 5.605   8.360   -4.771 1.00 2.40 ? 6  DC  B OP1   1 
ATOM   100 O OP2   . DC  B 1 2 ? 3.446   7.681   -3.655 1.00 2.26 ? 6  DC  B OP2   1 
ATOM   101 O "O5'" . DC  B 1 2 ? 5.547   7.330   -2.455 1.00 1.78 ? 6  DC  B "O5'" 1 
ATOM   102 C "C5'" . DC  B 1 2 ? 6.855   7.618   -1.915 1.00 1.87 ? 6  DC  B "C5'" 1 
ATOM   103 C "C4'" . DC  B 1 2 ? 7.155   6.322   -1.178 1.00 1.99 ? 6  DC  B "C4'" 1 
ATOM   104 O "O4'" . DC  B 1 2 ? 6.073   6.159   -0.224 1.00 1.78 ? 6  DC  B "O4'" 1 
ATOM   105 C "C3'" . DC  B 1 2 ? 6.966   5.047   -2.009 1.00 1.68 ? 6  DC  B "C3'" 1 
ATOM   106 O "O3'" . DC  B 1 2 ? 8.049   4.720   -2.911 1.00 1.91 ? 6  DC  B "O3'" 1 
ATOM   107 C "C2'" . DC  B 1 2 ? 6.777   4.012   -0.909 1.00 1.78 ? 6  DC  B "C2'" 1 
ATOM   108 C "C1'" . DC  B 1 2 ? 5.846   4.751   0.039  1.00 1.50 ? 6  DC  B "C1'" 1 
ATOM   109 N N1    . DC  B 1 2 ? 4.396   4.385   -0.128 1.00 1.58 ? 6  DC  B N1    1 
ATOM   110 C C2    . DC  B 1 2 ? 3.943   3.247   0.476  1.00 1.72 ? 6  DC  B C2    1 
ATOM   111 O O2    . DC  B 1 2 ? 4.742   2.597   1.141  1.00 1.58 ? 6  DC  B O2    1 
ATOM   112 N N3    . DC  B 1 2 ? 2.672   2.850   0.330  1.00 1.72 ? 6  DC  B N3    1 
ATOM   113 C C4    . DC  B 1 2 ? 1.815   3.580   -0.389 1.00 1.50 ? 6  DC  B C4    1 
ATOM   114 N N4    . DC  B 1 2 ? 0.515   3.180   -0.524 1.00 1.61 ? 6  DC  B N4    1 
ATOM   115 C C5    . DC  B 1 2 ? 2.224   4.772   -0.990 1.00 1.62 ? 6  DC  B C5    1 
ATOM   116 C C6    . DC  B 1 2 ? 3.556   5.171   -0.853 1.00 1.46 ? 6  DC  B C6    1 
ATOM   117 P P     . DG  B 1 3 ? 7.814   3.686   -4.126 1.00 1.97 ? 7  DG  B P     1 
ATOM   118 O OP1   . DG  B 1 3 ? 9.024   3.611   -4.965 1.00 1.97 ? 7  DG  B OP1   1 
ATOM   119 O OP2   . DG  B 1 3 ? 6.603   4.089   -4.861 1.00 2.00 ? 7  DG  B OP2   1 
ATOM   120 O "O5'" . DG  B 1 3 ? 7.587   2.251   -3.444 1.00 2.10 ? 7  DG  B "O5'" 1 
ATOM   121 C "C5'" . DG  B 1 3 ? 8.743   1.491   -3.003 1.00 1.93 ? 7  DG  B "C5'" 1 
ATOM   122 C "C4'" . DG  B 1 3 ? 8.295   0.165   -2.444 1.00 2.10 ? 7  DG  B "C4'" 1 
ATOM   123 O "O4'" . DG  B 1 3 ? 7.176   0.492   -1.616 1.00 2.24 ? 7  DG  B "O4'" 1 
ATOM   124 C "C3'" . DG  B 1 3 ? 7.792   -0.913  -3.399 1.00 1.90 ? 7  DG  B "C3'" 1 
ATOM   125 O "O3'" . DG  B 1 3 ? 8.845   -1.753  -3.935 1.00 2.01 ? 7  DG  B "O3'" 1 
ATOM   126 C "C2'" . DG  B 1 3 ? 6.858   -1.687  -2.482 1.00 2.10 ? 7  DG  B "C2'" 1 
ATOM   127 C "C1'" . DG  B 1 3 ? 6.258   -0.601  -1.601 1.00 2.24 ? 7  DG  B "C1'" 1 
ATOM   128 N N9    . DG  B 1 3 ? 4.902   -0.098  -1.972 1.00 1.93 ? 7  DG  B N9    1 
ATOM   129 C C8    . DG  B 1 3 ? 4.508   1.115   -2.483 1.00 1.94 ? 7  DG  B C8    1 
ATOM   130 N N7    . DG  B 1 3 ? 3.170   1.236   -2.572 1.00 1.69 ? 7  DG  B N7    1 
ATOM   131 C C5    . DG  B 1 3 ? 2.707   0.058   -2.103 1.00 1.93 ? 7  DG  B C5    1 
ATOM   132 C C6    . DG  B 1 3 ? 1.363   -0.377  -1.897 1.00 1.76 ? 7  DG  B C6    1 
ATOM   133 O O6    . DG  B 1 3 ? 0.319   0.257   -2.057 1.00 1.82 ? 7  DG  B O6    1 
ATOM   134 N N1    . DG  B 1 3 ? 1.323   -1.661  -1.398 1.00 1.68 ? 7  DG  B N1    1 
ATOM   135 C C2    . DG  B 1 3 ? 2.392   -2.464  -1.121 1.00 1.80 ? 7  DG  B C2    1 
ATOM   136 N N2    . DG  B 1 3 ? 2.140   -3.703  -0.618 1.00 1.66 ? 7  DG  B N2    1 
ATOM   137 N N3    . DG  B 1 3 ? 3.647   -2.042  -1.274 1.00 1.85 ? 7  DG  B N3    1 
ATOM   138 C C4    . DG  B 1 3 ? 3.728   -0.782  -1.759 1.00 2.11 ? 7  DG  B C4    1 
ATOM   139 P P     . DG  B 1 4 ? 8.604   -2.591  -5.281 1.00 1.97 ? 8  DG  B P     1 
ATOM   140 O OP1   . DG  B 1 4 ? 9.819   -3.337  -5.678 1.00 2.05 ? 8  DG  B OP1   1 
ATOM   141 O OP2   . DG  B 1 4 ? 8.022   -1.688  -6.278 1.00 2.14 ? 8  DG  B OP2   1 
ATOM   142 O "O5'" . DG  B 1 4 ? 7.490   -3.677  -4.909 1.00 1.90 ? 8  DG  B "O5'" 1 
ATOM   143 C "C5'" . DG  B 1 4 ? 7.846   -4.824  -4.109 1.00 2.00 ? 8  DG  B "C5'" 1 
ATOM   144 C "C4'" . DG  B 1 4 ? 6.646   -5.713  -4.006 1.00 2.01 ? 8  DG  B "C4'" 1 
ATOM   145 O "O4'" . DG  B 1 4 ? 5.625   -4.910  -3.417 1.00 1.66 ? 8  DG  B "O4'" 1 
ATOM   146 C "C3'" . DG  B 1 4 ? 6.021   -6.165  -5.316 1.00 1.68 ? 8  DG  B "C3'" 1 
ATOM   147 O "O3'" . DG  B 1 4 ? 6.715   -7.266  -5.924 1.00 1.66 ? 8  DG  B "O3'" 1 
ATOM   148 C "C2'" . DG  B 1 4 ? 4.634   -6.540  -4.815 1.00 1.35 ? 8  DG  B "C2'" 1 
ATOM   149 C "C1'" . DG  B 1 4 ? 4.353   -5.444  -3.799 1.00 1.46 ? 8  DG  B "C1'" 1 
ATOM   150 N N9    . DG  B 1 4 ? 3.574   -4.284  -4.298 1.00 1.73 ? 8  DG  B N9    1 
ATOM   151 C C8    . DG  B 1 4 ? 4.022   -3.071  -4.754 1.00 1.69 ? 8  DG  B C8    1 
ATOM   152 N N7    . DG  B 1 4 ? 3.033   -2.196  -4.990 1.00 1.92 ? 8  DG  B N7    1 
ATOM   153 C C5    . DG  B 1 4 ? 1.922   -2.884  -4.666 1.00 1.79 ? 8  DG  B C5    1 
ATOM   154 C C6    . DG  B 1 4 ? 0.555   -2.467  -4.673 1.00 1.53 ? 8  DG  B C6    1 
ATOM   155 O O6    . DG  B 1 4 ? 0.078   -1.376  -4.978 1.00 1.68 ? 8  DG  B O6    1 
ATOM   156 N N1    . DG  B 1 4 ? -0.276  -3.479  -4.262 1.00 1.77 ? 8  DG  B N1    1 
ATOM   157 C C2    . DG  B 1 4 ? 0.093   -4.733  -3.876 1.00 1.56 ? 8  DG  B C2    1 
ATOM   158 N N2    . DG  B 1 4 ? -0.890  -5.584  -3.470 1.00 1.74 ? 8  DG  B N2    1 
ATOM   159 N N3    . DG  B 1 4 ? 1.367   -5.120  -3.856 1.00 1.75 ? 8  DG  B N3    1 
ATOM   160 C C4    . DG  B 1 4 ? 2.213   -4.160  -4.269 1.00 1.95 ? 8  DG  B C4    1 
HETATM 161 O O     . HOH C 2 . ? -4.082  -1.378  5.761  1.00 1.97 ? 9  HOH A O     1 
HETATM 162 O O     . HOH C 2 . ? -13.196 -13.413 0.082  1.00 2.02 ? 10 HOH A O     1 
HETATM 163 O O     . HOH C 2 . ? -9.962  -3.208  2.948  1.00 2.03 ? 13 HOH A O     1 
HETATM 164 O O     . HOH C 2 . ? -7.556  -1.526  0.239  1.00 1.80 ? 14 HOH A O     1 
HETATM 165 O O     . HOH C 2 . ? -1.736  -10.264 6.918  1.00 1.93 ? 16 HOH A O     1 
HETATM 166 O O     . HOH C 2 . ? -2.306  -7.422  8.299  1.00 2.24 ? 17 HOH A O     1 
HETATM 167 O O     . HOH C 2 . ? -6.969  -5.367  8.886  1.00 2.12 ? 18 HOH A O     1 
HETATM 168 O O     . HOH C 2 . ? -11.977 -1.278  -2.510 1.00 2.31 ? 22 HOH A O     1 
HETATM 169 O O     . HOH C 2 . ? -6.129  -9.225  2.944  1.00 2.02 ? 23 HOH A O     1 
HETATM 170 O O     . HOH C 2 . ? -7.980  -9.347  -1.782 1.00 1.96 ? 24 HOH A O     1 
HETATM 171 O O     . HOH C 2 . ? -7.871  2.290   2.066  1.00 2.15 ? 25 HOH A O     1 
HETATM 172 O O     . HOH C 2 . ? 7.440   0.274   10.482 1.00 2.23 ? 26 HOH A O     1 
HETATM 173 O O     . HOH C 2 . ? 7.617   2.640   5.046  1.00 2.05 ? 28 HOH A O     1 
HETATM 174 O O     . HOH C 2 . ? -7.767  1.007   5.302  1.00 2.21 ? 29 HOH A O     1 
HETATM 175 O O     . HOH C 2 . ? 3.698   -8.130  6.644  1.00 1.90 ? 31 HOH A O     1 
HETATM 176 O O     . HOH C 2 . ? 4.937   -10.115 9.198  1.00 2.02 ? 32 HOH A O     1 
HETATM 177 O O     . HOH C 2 . ? -0.506  -1.768  6.226  1.00 1.88 ? 33 HOH A O     1 
HETATM 178 O O     . HOH C 2 . ? -7.082  -2.652  8.103  1.00 2.06 ? 35 HOH A O     1 
HETATM 179 O O     . HOH C 2 . ? -12.093 -7.107  -1.180 1.00 1.91 ? 36 HOH A O     1 
HETATM 180 O O     . HOH C 2 . ? -5.298  -3.398  3.127  1.00 2.12 ? 37 HOH A O     1 
HETATM 181 O O     . HOH C 2 . ? -6.284  -8.580  9.409  1.00 2.13 ? 38 HOH A O     1 
HETATM 182 O O     . HOH C 2 . ? -9.791  1.697   -2.867 1.00 2.07 ? 39 HOH A O     1 
HETATM 183 O O     . HOH C 2 . ? -11.717 1.305   -4.891 1.00 2.22 ? 40 HOH A O     1 
HETATM 184 O O     . HOH C 2 . ? 8.362   2.343   1.963  1.00 1.98 ? 42 HOH A O     1 
HETATM 185 O O     . HOH C 2 . ? -8.481  -10.298 1.744  1.00 2.06 ? 44 HOH A O     1 
HETATM 186 O O     . HOH C 2 . ? -8.795  -1.962  6.391  1.00 2.27 ? 49 HOH A O     1 
HETATM 187 O O     . HOH C 2 . ? -11.216 4.674   -4.089 1.00 2.13 ? 51 HOH A O     1 
HETATM 188 O O     . HOH C 2 . ? -3.260  -1.411  8.564  1.00 2.06 ? 52 HOH A O     1 
HETATM 189 O O     . HOH C 2 . ? -2.887  2.593   0.369  1.00 2.04 ? 56 HOH A O     1 
HETATM 190 O O     . HOH C 2 . ? 0.678   -4.694  10.807 1.00 2.12 ? 61 HOH A O     1 
HETATM 191 O O     . HOH C 2 . ? -12.762 -4.486  -0.673 1.00 2.04 ? 64 HOH A O     1 
HETATM 192 O O     . HOH C 2 . ? -9.997  -8.469  0.596  1.00 2.01 ? 65 HOH A O     1 
HETATM 193 O O     . HOH C 2 . ? -2.696  -3.366  6.329  1.00 2.11 ? 69 HOH A O     1 
HETATM 194 O O     . HOH C 2 . ? 9.349   -0.118  5.459  1.00 2.08 ? 70 HOH A O     1 
HETATM 195 O O     . HOH C 2 . ? 7.304   0.459   4.013  1.00 2.18 ? 73 HOH A O     1 
HETATM 196 O O     . HOH C 2 . ? 6.763   2.497   9.190  1.00 2.07 ? 74 HOH A O     1 
HETATM 197 O O     . HOH C 2 . ? -4.435  -0.005  -0.440 1.00 2.05 ? 75 HOH A O     1 
HETATM 198 O O     . HOH C 2 . ? -11.354 -0.863  2.195  1.00 2.07 ? 76 HOH A O     1 
HETATM 199 O O     . HOH C 2 . ? -13.271 -7.438  2.238  1.00 2.05 ? 77 HOH A O     1 
HETATM 200 O O     . HOH C 2 . ? -11.073 -5.399  1.716  1.00 2.17 ? 78 HOH A O     1 
HETATM 201 O O     . HOH C 2 . ? 2.728   -8.688  9.648  1.00 2.21 ? 80 HOH A O     1 
HETATM 202 O O     . HOH C 2 . ? 3.294   3.598   7.302  1.00 1.96 ? 86 HOH A O     1 
HETATM 203 O O     . HOH C 2 . ? -13.729 -4.871  2.298  0.50 2.05 ? 88 HOH A O     1 
HETATM 204 O O     . HOH C 2 . ? -10.132 1.596   0.101  1.00 2.14 ? 90 HOH A O     1 
HETATM 205 O O     . HOH C 2 . ? -7.885  -5.170  5.808  1.00 1.99 ? 91 HOH A O     1 
HETATM 206 O O     . HOH C 2 . ? -9.859  -12.808 0.771  0.50 2.05 ? 92 HOH A O     1 
HETATM 207 O O     . HOH C 2 . ? -4.780  -7.035  7.807  1.00 2.12 ? 93 HOH A O     1 
HETATM 208 O O     . HOH D 2 . ? 6.323   7.105   -6.892 1.00 1.67 ? 11 HOH B O     1 
HETATM 209 O O     . HOH D 2 . ? 10.633  4.303   -0.781 1.00 1.59 ? 12 HOH B O     1 
HETATM 210 O O     . HOH D 2 . ? -0.138  15.187  -2.090 1.00 1.90 ? 15 HOH B O     1 
HETATM 211 O O     . HOH D 2 . ? 6.872   -1.825  -9.197 1.00 1.89 ? 19 HOH B O     1 
HETATM 212 O O     . HOH D 2 . ? 6.661   3.252   -7.600 1.00 2.10 ? 20 HOH B O     1 
HETATM 213 O O     . HOH D 2 . ? 0.102   0.818   -6.801 0.50 1.81 ? 21 HOH B O     1 
HETATM 214 O O     . HOH D 2 . ? -4.559  13.384  -3.298 1.00 2.08 ? 27 HOH B O     1 
HETATM 215 O O     . HOH D 2 . ? 0.467   14.481  0.604  1.00 2.07 ? 30 HOH B O     1 
HETATM 216 O O     . HOH D 2 . ? 4.353   6.458   -8.695 1.00 1.98 ? 34 HOH B O     1 
HETATM 217 O O     . HOH D 2 . ? -6.111  3.487   -1.677 1.00 1.96 ? 41 HOH B O     1 
HETATM 218 O O     . HOH D 2 . ? 4.940   8.988   -8.560 1.00 2.15 ? 43 HOH B O     1 
HETATM 219 O O     . HOH D 2 . ? -1.941  4.252   -7.365 1.00 2.03 ? 45 HOH B O     1 
HETATM 220 O O     . HOH D 2 . ? 0.057   1.913   -3.638 1.00 1.97 ? 46 HOH B O     1 
HETATM 221 O O     . HOH D 2 . ? 0.528   5.311   -6.187 1.00 2.14 ? 47 HOH B O     1 
HETATM 222 O O     . HOH D 2 . ? 0.434   7.142   -1.935 1.00 2.16 ? 48 HOH B O     1 
HETATM 223 O O     . HOH D 2 . ? -7.590  8.515   0.678  1.00 2.17 ? 50 HOH B O     1 
HETATM 224 O O     . HOH D 2 . ? -4.534  10.297  -1.008 1.00 1.95 ? 53 HOH B O     1 
HETATM 225 O O     . HOH D 2 . ? -6.470  9.224   -5.105 1.00 2.08 ? 54 HOH B O     1 
HETATM 226 O O     . HOH D 2 . ? -4.969  6.967   -2.917 1.00 2.06 ? 55 HOH B O     1 
HETATM 227 O O     . HOH D 2 . ? -1.056  4.251   -2.866 1.00 2.02 ? 57 HOH B O     1 
HETATM 228 O O     . HOH D 2 . ? -3.288  1.816   -6.836 1.00 2.06 ? 58 HOH B O     1 
HETATM 229 O O     . HOH D 2 . ? 2.254   5.401   -4.063 1.00 2.05 ? 59 HOH B O     1 
HETATM 230 O O     . HOH D 2 . ? -1.307  3.463   -9.942 1.00 2.14 ? 60 HOH B O     1 
HETATM 231 O O     . HOH D 2 . ? -8.824  9.925   -0.766 0.50 2.15 ? 62 HOH B O     1 
HETATM 232 O O     . HOH D 2 . ? -9.468  9.140   -3.856 1.00 2.28 ? 63 HOH B O     1 
HETATM 233 O O     . HOH D 2 . ? -2.214  11.221  -0.674 1.00 2.15 ? 66 HOH B O     1 
HETATM 234 O O     . HOH D 2 . ? -1.978  12.158  -2.896 1.00 2.09 ? 67 HOH B O     1 
HETATM 235 O O     . HOH D 2 . ? -1.824  14.642  -3.946 1.00 2.15 ? 68 HOH B O     1 
HETATM 236 O O     . HOH D 2 . ? 10.301  4.842   -9.098 1.00 2.11 ? 71 HOH B O     1 
HETATM 237 O O     . HOH D 2 . ? -4.213  3.476   -3.662 1.00 2.10 ? 72 HOH B O     1 
HETATM 238 O O     . HOH D 2 . ? 12.109  -3.209  -4.691 1.00 2.11 ? 79 HOH B O     1 
HETATM 239 O O     . HOH D 2 . ? -4.939  6.427   -0.352 1.00 2.09 ? 81 HOH B O     1 
HETATM 240 O O     . HOH D 2 . ? -3.595  9.110   -6.876 1.00 2.18 ? 82 HOH B O     1 
HETATM 241 O O     . HOH D 2 . ? 5.446   1.233   -8.858 1.00 2.15 ? 83 HOH B O     1 
HETATM 242 O O     . HOH D 2 . ? 0.884   8.476   -4.142 1.00 2.04 ? 84 HOH B O     1 
HETATM 243 O O     . HOH D 2 . ? -8.210  3.531   -0.662 1.00 2.13 ? 85 HOH B O     1 
HETATM 244 O O     . HOH D 2 . ? -3.332  16.863  -5.514 1.00 2.16 ? 87 HOH B O     1 
HETATM 245 O O     . HOH D 2 . ? 10.011  5.963   -6.405 1.00 2.15 ? 89 HOH B O     1 
HETATM 246 O O     . HOH D 2 . ? -2.101  7.357   -4.760 1.00 2.13 ? 94 HOH B O     1 
# 
